data_7NWK
#
_entry.id   7NWK
#
_cell.length_a   172.880
_cell.length_b   172.880
_cell.length_c   98.310
_cell.angle_alpha   90.000
_cell.angle_beta   90.000
_cell.angle_gamma   120.000
#
_symmetry.space_group_name_H-M   'H 3'
#
loop_
_entity.id
_entity.type
_entity.pdbx_description
1 polymer 'Cyclin-dependent kinase 9'
2 polymer Cyclin-T1
3 non-polymer N-((1R,3R)-3-(7-(4-fluoro-2-methoxyphenyl)-3H-imidazo[4,5-b]pyridin-2-yl)cyclopentyl)acetamide
#
loop_
_entity_poly.entity_id
_entity_poly.type
_entity_poly.pdbx_seq_one_letter_code
_entity_poly.pdbx_strand_id
1 'polypeptide(L)'
;MAKQYDSVECPFCDEVSKYEKLAKIGQGTFGEVFKARHRKTGQKVALKKVLMENEKEGFPITALREIKILQLLKHENVVN
LIEICRTKASPYNRCKGSIYLVFDFCEHDLAGLLSNVLVKFTLSEIKRVMQMLLNGLYYIHRNKILHRDMKAANVLITRD
GVLKLADFGLARAFSLAKNSQPNRY(TPO)NRVVTLWYRPPELLLGERDYGPPIDLWGAGCIMAEMWTRSPIMQGNTEQH
QLALISQLCGSITPEVWPNVDNYELYEKLELVKGQKRKVKDRLKAYVRDPYALDLIDKLLVLDPAQRIDSDDALNHDFFW
SDPMPSDLKGMLST
;
A
2 'polypeptide(L)'
;EGERKNNNKRWYFTREQLENSPSRRFGVDPDKELSYRQQAANLLQDMGQRLNVSQLTINTAIVYMHRFYMIQSFTRFPGN
SVAPAALFLAAKVEGQPKKLEHVIKVAHTCLHPQESLPDTRSEAYLQQVQDLVILESIILQTLGFELTIDHPHTHVVKCT
QLVRASKDLAQTSYFMATNSLHLTTFSLQYTPPVVACVCIHLACKWSNWEIPVSTDGKHWWEYVDATVTLELLDELTHEL
LQILEKTPNRLKRIWNWR
;
B
#
loop_
_chem_comp.id
_chem_comp.type
_chem_comp.name
_chem_comp.formula
UT5 non-polymer N-((1R,3R)-3-(7-(4-fluoro-2-methoxyphenyl)-3H-imidazo[4,5-b]pyridin-2-yl)cyclopentyl)acetamide 'C20 H21 F N4 O2'
#
# COMPACT_ATOMS: atom_id res chain seq x y z
N SER A 7 -8.71 14.99 -23.76
CA SER A 7 -8.41 16.42 -23.96
C SER A 7 -7.44 17.00 -22.89
N VAL A 8 -7.09 16.18 -21.87
CA VAL A 8 -6.23 16.52 -20.72
C VAL A 8 -4.95 15.67 -20.77
N GLU A 9 -3.76 16.31 -20.58
CA GLU A 9 -2.44 15.65 -20.55
C GLU A 9 -2.38 14.57 -19.50
N CYS A 10 -1.78 13.44 -19.86
CA CYS A 10 -1.71 12.31 -18.94
C CYS A 10 -0.46 11.48 -19.19
N PRO A 11 0.70 12.08 -18.86
CA PRO A 11 1.98 11.46 -19.17
C PRO A 11 2.25 10.13 -18.53
N PHE A 12 1.64 9.89 -17.36
CA PHE A 12 1.96 8.73 -16.52
C PHE A 12 0.84 7.74 -16.41
N CYS A 13 -0.14 7.80 -17.31
CA CYS A 13 -1.19 6.79 -17.30
C CYS A 13 -1.53 6.53 -18.73
N ASP A 14 -1.03 5.43 -19.26
CA ASP A 14 -1.20 5.08 -20.66
C ASP A 14 -2.54 4.44 -20.87
N GLU A 15 -3.09 4.57 -22.10
CA GLU A 15 -4.35 3.94 -22.47
C GLU A 15 -4.08 2.46 -22.68
N VAL A 16 -4.95 1.62 -22.11
CA VAL A 16 -4.86 0.16 -22.14
C VAL A 16 -4.84 -0.41 -23.58
N SER A 17 -5.27 0.38 -24.57
CA SER A 17 -5.29 0.02 -26.00
C SER A 17 -3.88 -0.29 -26.53
N LYS A 18 -2.83 0.04 -25.74
CA LYS A 18 -1.42 -0.26 -26.05
C LYS A 18 -1.22 -1.78 -26.03
N TYR A 19 -2.09 -2.46 -25.28
CA TYR A 19 -2.17 -3.91 -25.14
C TYR A 19 -3.34 -4.39 -25.99
N GLU A 20 -3.21 -5.61 -26.53
CA GLU A 20 -4.21 -6.27 -27.38
C GLU A 20 -4.71 -7.53 -26.64
N LYS A 21 -5.99 -7.54 -26.24
CA LYS A 21 -6.63 -8.66 -25.52
C LYS A 21 -6.56 -9.92 -26.32
N LEU A 22 -6.12 -10.98 -25.68
CA LEU A 22 -5.97 -12.28 -26.33
C LEU A 22 -7.01 -13.28 -25.82
N ALA A 23 -7.33 -13.24 -24.50
CA ALA A 23 -8.26 -14.17 -23.88
C ALA A 23 -8.67 -13.75 -22.49
N LYS A 24 -9.95 -14.02 -22.11
CA LYS A 24 -10.45 -13.79 -20.75
C LYS A 24 -10.01 -15.00 -19.91
N ILE A 25 -9.28 -14.74 -18.80
CA ILE A 25 -8.76 -15.78 -17.88
C ILE A 25 -9.35 -15.61 -16.45
N GLY A 26 -10.35 -14.75 -16.30
CA GLY A 26 -11.00 -14.41 -15.03
C GLY A 26 -11.96 -15.48 -14.52
N GLN A 27 -11.44 -16.71 -14.32
CA GLN A 27 -12.20 -17.88 -13.88
C GLN A 27 -12.45 -17.95 -12.35
N GLY A 28 -11.80 -17.04 -11.61
CA GLY A 28 -11.91 -16.92 -10.16
C GLY A 28 -11.79 -15.49 -9.66
N PHE A 30 -14.15 -13.13 -9.26
CA PHE A 30 -15.28 -13.16 -10.18
C PHE A 30 -15.11 -12.14 -11.35
N GLY A 31 -14.25 -11.13 -11.13
CA GLY A 31 -13.96 -10.01 -12.03
C GLY A 31 -13.38 -10.28 -13.40
N GLU A 32 -13.12 -9.17 -14.16
CA GLU A 32 -12.62 -9.20 -15.53
C GLU A 32 -11.07 -9.20 -15.65
N VAL A 33 -10.47 -10.38 -15.83
CA VAL A 33 -9.03 -10.62 -15.98
C VAL A 33 -8.76 -11.14 -17.41
N PHE A 34 -7.84 -10.47 -18.14
CA PHE A 34 -7.47 -10.86 -19.52
C PHE A 34 -6.00 -11.10 -19.71
N LYS A 35 -5.69 -12.03 -20.58
CA LYS A 35 -4.32 -12.22 -21.04
C LYS A 35 -4.22 -11.24 -22.24
N ALA A 36 -3.18 -10.44 -22.29
CA ALA A 36 -3.01 -9.53 -23.42
C ALA A 36 -1.57 -9.46 -23.94
N ARG A 37 -1.41 -8.81 -25.10
CA ARG A 37 -0.14 -8.73 -25.78
C ARG A 37 0.18 -7.30 -26.04
N HIS A 38 1.38 -6.86 -25.65
CA HIS A 38 1.80 -5.49 -25.93
C HIS A 38 1.90 -5.38 -27.47
N ARG A 39 1.15 -4.44 -28.06
CA ARG A 39 1.07 -4.28 -29.52
C ARG A 39 2.41 -4.03 -30.23
N LYS A 40 3.46 -3.54 -29.52
CA LYS A 40 4.75 -3.26 -30.15
C LYS A 40 5.84 -4.32 -29.95
N THR A 41 5.90 -4.92 -28.77
CA THR A 41 6.94 -5.87 -28.37
C THR A 41 6.48 -7.32 -28.20
N GLY A 42 5.17 -7.53 -28.14
CA GLY A 42 4.61 -8.85 -27.95
C GLY A 42 4.63 -9.34 -26.52
N GLN A 43 5.11 -8.49 -25.61
CA GLN A 43 5.16 -8.86 -24.19
C GLN A 43 3.78 -9.25 -23.67
N LYS A 44 3.68 -10.47 -23.11
CA LYS A 44 2.43 -10.95 -22.55
C LYS A 44 2.26 -10.36 -21.15
N VAL A 45 1.03 -9.91 -20.86
CA VAL A 45 0.64 -9.31 -19.60
C VAL A 45 -0.75 -9.84 -19.19
N ALA A 46 -1.14 -9.61 -17.90
CA ALA A 46 -2.49 -9.88 -17.40
C ALA A 46 -3.10 -8.52 -17.06
N LEU A 47 -4.29 -8.24 -17.61
CA LEU A 47 -5.04 -7.02 -17.36
C LEU A 47 -6.19 -7.34 -16.41
N LYS A 48 -6.22 -6.71 -15.23
CA LYS A 48 -7.30 -6.87 -14.26
C LYS A 48 -8.08 -5.54 -14.23
N LYS A 49 -9.34 -5.56 -14.68
CA LYS A 49 -10.16 -4.35 -14.66
C LYS A 49 -10.62 -4.06 -13.22
N VAL A 50 -10.54 -2.78 -12.78
CA VAL A 50 -11.05 -2.42 -11.45
C VAL A 50 -12.58 -2.20 -11.61
N LEU A 51 -13.35 -3.08 -10.94
CA LEU A 51 -14.80 -3.12 -11.02
C LEU A 51 -15.47 -1.93 -10.32
N MET A 52 -16.25 -1.17 -11.10
CA MET A 52 -16.98 0.00 -10.65
C MET A 52 -18.47 -0.27 -10.33
N GLU A 53 -18.82 -1.57 -10.23
CA GLU A 53 -20.15 -2.06 -9.91
C GLU A 53 -20.44 -1.79 -8.44
N ASN A 54 -21.53 -1.02 -8.19
CA ASN A 54 -22.01 -0.60 -6.86
C ASN A 54 -20.94 0.24 -6.06
N GLU A 55 -20.22 1.15 -6.79
CA GLU A 55 -19.19 2.03 -6.23
C GLU A 55 -19.64 3.53 -6.16
N LYS A 56 -20.23 3.89 -5.01
CA LYS A 56 -20.83 5.19 -4.71
C LYS A 56 -19.86 6.17 -4.00
N GLU A 57 -18.64 5.74 -3.78
CA GLU A 57 -17.62 6.52 -3.10
C GLU A 57 -16.40 6.81 -3.98
N GLY A 58 -16.66 7.01 -5.28
CA GLY A 58 -15.59 7.22 -6.24
C GLY A 58 -14.73 5.98 -6.35
N PHE A 59 -13.41 6.19 -6.60
CA PHE A 59 -12.40 5.14 -6.80
C PHE A 59 -12.31 4.22 -5.60
N PRO A 60 -12.54 2.92 -5.81
CA PRO A 60 -12.56 1.97 -4.69
C PRO A 60 -11.37 2.01 -3.78
N ILE A 61 -11.65 2.22 -2.48
CA ILE A 61 -10.62 2.23 -1.43
C ILE A 61 -9.89 0.86 -1.37
N THR A 62 -10.59 -0.18 -1.79
CA THR A 62 -10.17 -1.56 -1.88
C THR A 62 -9.10 -1.68 -2.96
N ALA A 63 -9.29 -0.99 -4.11
CA ALA A 63 -8.34 -0.98 -5.22
C ALA A 63 -7.12 -0.17 -4.87
N LEU A 64 -7.32 0.98 -4.18
CA LEU A 64 -6.22 1.84 -3.73
C LEU A 64 -5.30 1.03 -2.85
N ARG A 65 -5.86 0.26 -1.91
CA ARG A 65 -5.13 -0.59 -0.97
C ARG A 65 -4.23 -1.60 -1.71
N GLU A 66 -4.80 -2.39 -2.66
CA GLU A 66 -4.10 -3.38 -3.47
C GLU A 66 -2.97 -2.75 -4.27
N ILE A 67 -3.25 -1.68 -5.04
CA ILE A 67 -2.26 -0.92 -5.79
C ILE A 67 -1.11 -0.49 -4.88
N LYS A 68 -1.44 0.08 -3.70
CA LYS A 68 -0.40 0.50 -2.74
C LYS A 68 0.51 -0.68 -2.38
N ILE A 69 -0.10 -1.85 -2.09
CA ILE A 69 0.59 -3.06 -1.68
C ILE A 69 1.47 -3.60 -2.82
N LEU A 70 0.92 -3.72 -4.04
CA LEU A 70 1.65 -4.17 -5.23
C LEU A 70 2.84 -3.27 -5.54
N GLN A 71 2.70 -1.96 -5.35
CA GLN A 71 3.78 -1.00 -5.58
C GLN A 71 4.93 -1.18 -4.59
N LEU A 72 4.62 -1.65 -3.37
CA LEU A 72 5.59 -1.88 -2.29
C LEU A 72 6.34 -3.17 -2.46
N LEU A 73 5.60 -4.24 -2.72
CA LEU A 73 6.15 -5.58 -2.88
C LEU A 73 6.82 -5.83 -4.21
N LYS A 74 8.17 -5.81 -4.20
CA LYS A 74 9.00 -6.05 -5.39
C LYS A 74 9.99 -7.17 -5.09
N HIS A 75 9.62 -8.40 -5.51
CA HIS A 75 10.39 -9.59 -5.21
C HIS A 75 10.19 -10.69 -6.25
N GLU A 76 11.22 -11.53 -6.49
CA GLU A 76 11.15 -12.63 -7.48
C GLU A 76 9.95 -13.53 -7.28
N ASN A 77 9.45 -13.67 -6.05
CA ASN A 77 8.35 -14.58 -5.75
C ASN A 77 7.03 -13.87 -5.46
N VAL A 78 6.90 -12.63 -5.93
CA VAL A 78 5.69 -11.83 -5.83
C VAL A 78 5.37 -11.32 -7.22
N VAL A 79 4.08 -11.43 -7.62
CA VAL A 79 3.61 -10.97 -8.93
C VAL A 79 4.02 -9.51 -9.15
N ASN A 80 4.44 -9.20 -10.37
CA ASN A 80 4.89 -7.88 -10.79
C ASN A 80 3.81 -6.99 -11.38
N LEU A 81 3.45 -5.92 -10.68
CA LEU A 81 2.54 -4.92 -11.23
C LEU A 81 3.43 -4.02 -12.09
N ILE A 82 3.22 -4.02 -13.40
CA ILE A 82 4.00 -3.21 -14.33
C ILE A 82 3.57 -1.72 -14.25
N GLU A 83 2.27 -1.49 -14.26
CA GLU A 83 1.66 -0.18 -14.33
C GLU A 83 0.13 -0.26 -14.24
N ILE A 84 -0.50 0.91 -14.22
CA ILE A 84 -1.94 1.07 -14.21
C ILE A 84 -2.33 1.83 -15.43
N CYS A 85 -3.28 1.28 -16.20
CA CYS A 85 -3.75 1.88 -17.46
C CYS A 85 -5.20 2.35 -17.34
N ARG A 86 -5.57 3.32 -18.19
CA ARG A 86 -6.90 3.94 -18.28
C ARG A 86 -7.51 3.53 -19.62
N THR A 87 -8.76 3.92 -19.85
CA THR A 87 -9.41 3.70 -21.12
C THR A 87 -10.17 4.99 -21.43
N LYS A 88 -9.86 5.63 -22.60
CA LYS A 88 -10.45 6.94 -22.92
C LYS A 88 -11.95 6.89 -23.17
N GLY A 97 -15.58 5.30 -18.33
CA GLY A 97 -14.13 5.27 -18.34
C GLY A 97 -13.55 4.41 -17.23
N SER A 98 -12.88 3.28 -17.62
CA SER A 98 -12.31 2.22 -16.75
C SER A 98 -10.82 2.35 -16.41
N ILE A 99 -10.33 1.50 -15.48
CA ILE A 99 -8.94 1.44 -14.99
C ILE A 99 -8.50 -0.01 -14.87
N TYR A 100 -7.26 -0.30 -15.28
CA TYR A 100 -6.74 -1.66 -15.32
C TYR A 100 -5.42 -1.78 -14.59
N LEU A 101 -5.25 -2.89 -13.85
CA LEU A 101 -3.98 -3.21 -13.25
C LEU A 101 -3.28 -4.07 -14.27
N VAL A 102 -2.02 -3.75 -14.61
CA VAL A 102 -1.26 -4.51 -15.61
C VAL A 102 -0.13 -5.27 -14.95
N PHE A 103 -0.15 -6.61 -15.05
CA PHE A 103 0.89 -7.51 -14.48
C PHE A 103 1.65 -8.25 -15.57
N ASP A 104 2.89 -8.62 -15.26
CA ASP A 104 3.67 -9.46 -16.13
C ASP A 104 2.98 -10.82 -16.09
N PHE A 105 2.75 -11.44 -17.27
CA PHE A 105 2.02 -12.69 -17.37
C PHE A 105 2.85 -13.89 -17.00
N CYS A 106 2.20 -14.84 -16.25
CA CYS A 106 2.73 -16.14 -15.83
C CYS A 106 1.84 -17.17 -16.47
N GLU A 107 2.41 -18.10 -17.30
CA GLU A 107 1.66 -19.11 -18.05
C GLU A 107 0.78 -20.04 -17.18
N HIS A 108 1.29 -20.44 -15.99
CA HIS A 108 0.65 -21.41 -15.11
C HIS A 108 0.21 -20.93 -13.74
N ASP A 109 -0.64 -21.75 -13.08
CA ASP A 109 -1.08 -21.59 -11.70
C ASP A 109 -1.11 -22.98 -11.06
N LEU A 110 -0.63 -23.08 -9.79
CA LEU A 110 -0.53 -24.34 -9.04
C LEU A 110 -1.81 -25.20 -9.08
N ALA A 111 -3.01 -24.58 -8.96
CA ALA A 111 -4.28 -25.32 -9.04
C ALA A 111 -4.42 -26.04 -10.39
N GLY A 112 -4.09 -25.34 -11.46
CA GLY A 112 -4.16 -25.86 -12.82
C GLY A 112 -3.21 -27.00 -13.06
N LEU A 113 -1.91 -26.79 -12.68
CA LEU A 113 -0.84 -27.79 -12.78
C LEU A 113 -1.17 -29.05 -11.98
N LEU A 114 -1.70 -28.87 -10.76
CA LEU A 114 -2.06 -29.98 -9.88
C LEU A 114 -3.24 -30.76 -10.36
N SER A 115 -4.21 -30.10 -11.02
CA SER A 115 -5.37 -30.81 -11.55
C SER A 115 -5.04 -31.55 -12.85
N ASN A 116 -3.87 -31.29 -13.44
CA ASN A 116 -3.43 -31.89 -14.68
C ASN A 116 -2.74 -33.24 -14.45
N VAL A 117 -3.40 -34.31 -14.88
CA VAL A 117 -2.96 -35.69 -14.74
C VAL A 117 -1.61 -35.98 -15.47
N LEU A 118 -1.31 -35.22 -16.54
CA LEU A 118 -0.09 -35.34 -17.32
C LEU A 118 1.08 -34.68 -16.61
N VAL A 119 0.78 -33.67 -15.78
CA VAL A 119 1.80 -32.94 -15.01
C VAL A 119 2.30 -33.84 -13.89
N LYS A 120 3.63 -33.91 -13.72
CA LYS A 120 4.26 -34.74 -12.69
C LYS A 120 5.41 -34.00 -12.02
N PHE A 121 5.40 -33.96 -10.67
CA PHE A 121 6.44 -33.33 -9.86
C PHE A 121 7.31 -34.39 -9.19
N THR A 122 8.64 -34.14 -9.14
CA THR A 122 9.60 -34.97 -8.41
C THR A 122 9.67 -34.35 -7.02
N LEU A 123 10.24 -35.09 -6.05
CA LEU A 123 10.40 -34.58 -4.69
C LEU A 123 11.23 -33.29 -4.68
N SER A 124 12.26 -33.23 -5.53
CA SER A 124 13.17 -32.11 -5.69
C SER A 124 12.46 -30.84 -6.12
N GLU A 125 11.49 -30.98 -7.02
CA GLU A 125 10.73 -29.85 -7.54
C GLU A 125 9.72 -29.35 -6.51
N ILE A 126 9.01 -30.28 -5.85
CA ILE A 126 8.07 -29.95 -4.77
C ILE A 126 8.81 -29.12 -3.70
N LYS A 127 10.06 -29.52 -3.39
CA LYS A 127 10.92 -28.82 -2.44
C LYS A 127 11.12 -27.37 -2.92
N ARG A 128 11.37 -27.21 -4.23
CA ARG A 128 11.61 -25.89 -4.82
C ARG A 128 10.40 -24.99 -4.77
N VAL A 129 9.24 -25.50 -5.14
CA VAL A 129 7.95 -24.80 -5.10
C VAL A 129 7.71 -24.27 -3.72
N MET A 130 7.82 -25.15 -2.68
CA MET A 130 7.62 -24.77 -1.30
C MET A 130 8.62 -23.71 -0.83
N GLN A 131 9.88 -23.86 -1.28
CA GLN A 131 10.94 -22.90 -0.97
C GLN A 131 10.61 -21.52 -1.49
N MET A 132 10.21 -21.41 -2.77
CA MET A 132 9.85 -20.12 -3.36
C MET A 132 8.62 -19.51 -2.65
N LEU A 133 7.57 -20.31 -2.43
CA LEU A 133 6.34 -19.90 -1.74
C LEU A 133 6.68 -19.33 -0.36
N LEU A 134 7.45 -20.09 0.47
CA LEU A 134 7.85 -19.66 1.81
C LEU A 134 8.78 -18.43 1.78
N ASN A 135 9.58 -18.31 0.72
CA ASN A 135 10.46 -17.14 0.57
C ASN A 135 9.65 -15.88 0.24
N GLY A 136 8.60 -16.04 -0.55
CA GLY A 136 7.67 -14.99 -0.90
C GLY A 136 6.94 -14.53 0.35
N LEU A 137 6.46 -15.48 1.18
CA LEU A 137 5.78 -15.13 2.43
C LEU A 137 6.70 -14.42 3.40
N TYR A 138 7.95 -14.85 3.51
CA TYR A 138 8.93 -14.21 4.39
C TYR A 138 9.04 -12.73 4.01
N TYR A 139 9.13 -12.45 2.71
CA TYR A 139 9.22 -11.10 2.14
C TYR A 139 8.00 -10.26 2.44
N ILE A 140 6.81 -10.75 2.11
CA ILE A 140 5.61 -9.93 2.28
C ILE A 140 5.40 -9.59 3.76
N HIS A 141 5.56 -10.57 4.65
CA HIS A 141 5.38 -10.40 6.09
C HIS A 141 6.41 -9.47 6.68
N ARG A 142 7.67 -9.55 6.17
CA ARG A 142 8.77 -8.68 6.57
C ARG A 142 8.37 -7.24 6.24
N ASN A 143 7.60 -7.04 5.15
CA ASN A 143 7.09 -5.75 4.69
C ASN A 143 5.76 -5.38 5.30
N LYS A 144 5.41 -6.07 6.39
CA LYS A 144 4.26 -5.82 7.22
C LYS A 144 2.97 -5.97 6.43
N ILE A 145 2.94 -6.93 5.46
CA ILE A 145 1.76 -7.28 4.65
C ILE A 145 1.25 -8.69 4.95
N LEU A 146 -0.09 -8.85 5.02
CA LEU A 146 -0.79 -10.13 5.15
C LEU A 146 -1.45 -10.37 3.81
N HIS A 147 -1.27 -11.55 3.21
CA HIS A 147 -1.86 -11.87 1.91
C HIS A 147 -3.39 -12.09 2.01
N ARG A 148 -3.78 -12.88 3.00
CA ARG A 148 -5.16 -13.19 3.37
C ARG A 148 -6.00 -13.92 2.31
N ASP A 149 -5.36 -14.45 1.26
CA ASP A 149 -6.09 -15.22 0.25
C ASP A 149 -5.18 -16.31 -0.33
N MET A 150 -4.49 -17.03 0.56
CA MET A 150 -3.65 -18.16 0.14
C MET A 150 -4.49 -19.31 -0.43
N LYS A 151 -4.20 -19.73 -1.67
CA LYS A 151 -4.84 -20.87 -2.34
C LYS A 151 -4.02 -21.23 -3.54
N ALA A 152 -4.06 -22.50 -3.95
CA ALA A 152 -3.28 -22.98 -5.10
C ALA A 152 -3.43 -22.11 -6.35
N ALA A 153 -4.64 -21.60 -6.60
CA ALA A 153 -4.94 -20.77 -7.76
C ALA A 153 -4.25 -19.38 -7.73
N ASN A 154 -3.85 -18.91 -6.54
CA ASN A 154 -3.14 -17.64 -6.37
C ASN A 154 -1.62 -17.81 -6.37
N VAL A 155 -1.14 -19.06 -6.58
CA VAL A 155 0.28 -19.39 -6.66
C VAL A 155 0.56 -19.57 -8.16
N LEU A 156 1.26 -18.60 -8.75
CA LEU A 156 1.57 -18.66 -10.18
C LEU A 156 2.97 -19.19 -10.41
N ILE A 157 3.21 -19.78 -11.60
CA ILE A 157 4.52 -20.30 -11.98
C ILE A 157 4.81 -19.84 -13.39
N THR A 158 5.94 -19.17 -13.63
CA THR A 158 6.35 -18.68 -14.96
C THR A 158 6.77 -19.83 -15.89
N ARG A 159 7.11 -19.53 -17.15
CA ARG A 159 7.60 -20.53 -18.12
C ARG A 159 8.91 -21.07 -17.60
N ASP A 160 9.69 -20.22 -16.91
CA ASP A 160 11.02 -20.56 -16.43
C ASP A 160 11.05 -21.18 -15.05
N GLY A 161 9.87 -21.56 -14.54
CA GLY A 161 9.72 -22.20 -13.24
C GLY A 161 9.96 -21.33 -12.04
N VAL A 162 9.50 -20.07 -12.10
CA VAL A 162 9.60 -19.13 -11.00
C VAL A 162 8.20 -18.96 -10.47
N LEU A 163 8.01 -19.21 -9.16
CA LEU A 163 6.74 -19.10 -8.45
C LEU A 163 6.50 -17.68 -8.03
N LYS A 164 5.27 -17.17 -8.25
CA LYS A 164 4.88 -15.83 -7.84
C LYS A 164 3.60 -15.87 -7.04
N LEU A 165 3.58 -15.20 -5.88
CA LEU A 165 2.37 -15.04 -5.09
C LEU A 165 1.58 -13.95 -5.79
N ALA A 166 0.32 -14.26 -6.07
CA ALA A 166 -0.55 -13.39 -6.83
C ALA A 166 -1.84 -13.07 -6.09
N ASP A 167 -2.69 -12.22 -6.68
CA ASP A 167 -3.97 -11.75 -6.13
C ASP A 167 -3.86 -11.17 -4.72
N PHE A 168 -3.50 -9.85 -4.64
CA PHE A 168 -3.37 -9.13 -3.38
C PHE A 168 -4.61 -8.28 -3.08
N GLY A 169 -5.74 -8.65 -3.70
CA GLY A 169 -7.03 -7.99 -3.59
C GLY A 169 -7.66 -7.98 -2.21
N LEU A 170 -7.27 -8.93 -1.38
CA LEU A 170 -7.71 -9.03 0.00
C LEU A 170 -6.55 -8.74 0.94
N ALA A 171 -5.35 -8.49 0.40
CA ALA A 171 -4.21 -8.22 1.26
C ALA A 171 -4.37 -6.92 2.05
N ARG A 172 -3.73 -6.85 3.21
CA ARG A 172 -3.74 -5.67 4.04
C ARG A 172 -2.41 -5.57 4.80
N ALA A 173 -2.03 -4.31 5.16
CA ALA A 173 -0.86 -4.07 6.01
C ALA A 173 -1.26 -4.34 7.47
N PHE A 174 -0.34 -4.91 8.27
CA PHE A 174 -0.55 -5.19 9.69
C PHE A 174 0.53 -4.49 10.54
N SER A 175 0.35 -4.52 11.88
CA SER A 175 1.27 -3.90 12.85
C SER A 175 1.23 -4.61 14.20
N LEU A 176 1.54 -3.87 15.28
CA LEU A 176 1.53 -4.38 16.66
C LEU A 176 0.89 -3.37 17.60
N PRO A 182 -4.67 -3.75 20.70
CA PRO A 182 -5.34 -4.95 20.19
C PRO A 182 -6.01 -4.69 18.84
N ASN A 183 -5.44 -5.29 17.78
CA ASN A 183 -5.90 -5.13 16.39
C ASN A 183 -7.31 -5.68 16.13
N ARG A 184 -8.07 -5.00 15.27
CA ARG A 184 -9.42 -5.42 14.89
C ARG A 184 -9.50 -5.53 13.39
N TYR A 185 -8.83 -6.53 12.82
CA TYR A 185 -8.83 -6.76 11.37
C TYR A 185 -10.07 -7.57 10.99
N TPO A 186 -10.48 -7.53 9.71
CA TPO A 186 -11.67 -8.23 9.17
CB TPO A 186 -11.77 -7.80 7.69
CG2 TPO A 186 -12.93 -8.46 6.94
OG1 TPO A 186 -11.79 -6.30 7.56
P TPO A 186 -10.46 -5.69 6.83
O1P TPO A 186 -10.46 -6.00 5.29
O2P TPO A 186 -10.39 -4.18 6.86
O3P TPO A 186 -9.21 -6.11 7.63
C TPO A 186 -11.53 -9.74 9.26
O TPO A 186 -10.53 -10.29 8.83
N ASN A 187 -12.51 -10.42 9.84
CA ASN A 187 -12.48 -11.87 9.99
C ASN A 187 -12.87 -12.60 8.71
N ARG A 188 -13.70 -11.98 7.89
CA ARG A 188 -14.29 -12.49 6.66
C ARG A 188 -13.19 -12.56 5.58
N VAL A 189 -12.07 -13.25 5.90
CA VAL A 189 -10.86 -13.38 5.06
C VAL A 189 -10.48 -14.85 4.86
N VAL A 190 -9.85 -15.13 3.68
CA VAL A 190 -9.38 -16.46 3.25
C VAL A 190 -10.54 -17.38 2.81
N THR A 191 -10.39 -18.07 1.65
CA THR A 191 -11.34 -19.06 1.13
C THR A 191 -11.47 -20.12 2.19
N LEU A 192 -12.69 -20.63 2.36
CA LEU A 192 -13.00 -21.58 3.42
C LEU A 192 -12.00 -22.74 3.57
N TRP A 193 -11.67 -23.44 2.47
CA TRP A 193 -10.78 -24.60 2.50
C TRP A 193 -9.37 -24.31 2.99
N TYR A 194 -8.93 -23.06 2.83
CA TYR A 194 -7.61 -22.62 3.27
C TYR A 194 -7.64 -21.81 4.54
N ARG A 195 -8.84 -21.51 5.06
CA ARG A 195 -8.99 -20.70 6.27
C ARG A 195 -8.49 -21.40 7.52
N PRO A 196 -7.61 -20.70 8.27
CA PRO A 196 -7.08 -21.22 9.53
C PRO A 196 -8.12 -21.24 10.68
N PRO A 197 -7.85 -22.07 11.72
CA PRO A 197 -8.77 -22.18 12.88
C PRO A 197 -9.09 -20.86 13.56
N GLU A 198 -8.09 -20.03 13.82
CA GLU A 198 -8.23 -18.72 14.45
C GLU A 198 -9.44 -17.98 13.88
N LEU A 199 -9.46 -17.82 12.54
CA LEU A 199 -10.49 -17.08 11.83
C LEU A 199 -11.84 -17.72 11.97
N LEU A 200 -11.89 -19.04 11.90
CA LEU A 200 -13.15 -19.79 12.04
C LEU A 200 -13.67 -19.67 13.45
N LEU A 201 -12.79 -19.40 14.43
CA LEU A 201 -13.14 -19.22 15.82
C LEU A 201 -13.44 -17.76 16.20
N GLY A 202 -13.35 -16.85 15.22
CA GLY A 202 -13.70 -15.44 15.36
C GLY A 202 -12.60 -14.44 15.64
N GLU A 203 -11.34 -14.83 15.39
CA GLU A 203 -10.18 -13.97 15.63
C GLU A 203 -10.10 -12.74 14.72
N ARG A 204 -9.83 -11.56 15.34
CA ARG A 204 -9.68 -10.29 14.62
C ARG A 204 -8.29 -9.70 14.84
N ASP A 205 -7.55 -10.28 15.79
CA ASP A 205 -6.18 -9.90 16.13
C ASP A 205 -5.27 -11.03 15.65
N TYR A 206 -5.22 -11.18 14.32
CA TYR A 206 -4.44 -12.21 13.69
C TYR A 206 -3.26 -11.59 12.93
N GLY A 207 -2.29 -12.41 12.56
CA GLY A 207 -1.12 -11.95 11.85
C GLY A 207 -0.63 -12.92 10.78
N PRO A 208 0.70 -12.90 10.54
CA PRO A 208 1.27 -13.79 9.50
C PRO A 208 0.93 -15.27 9.62
N PRO A 209 0.69 -15.87 10.83
CA PRO A 209 0.37 -17.30 10.86
C PRO A 209 -0.79 -17.75 10.00
N ILE A 210 -1.70 -16.83 9.60
CA ILE A 210 -2.86 -17.19 8.76
C ILE A 210 -2.41 -17.62 7.38
N ASP A 211 -1.36 -16.97 6.87
CA ASP A 211 -0.85 -17.26 5.53
C ASP A 211 -0.09 -18.57 5.50
N LEU A 212 0.54 -18.91 6.64
CA LEU A 212 1.36 -20.11 6.82
C LEU A 212 0.52 -21.36 6.93
N TRP A 213 -0.71 -21.24 7.49
CA TRP A 213 -1.66 -22.34 7.54
C TRP A 213 -2.02 -22.68 6.06
N GLY A 214 -2.23 -21.64 5.25
CA GLY A 214 -2.54 -21.76 3.84
C GLY A 214 -1.41 -22.44 3.11
N ALA A 215 -0.15 -22.12 3.48
CA ALA A 215 1.07 -22.75 2.93
C ALA A 215 1.04 -24.26 3.23
N GLY A 216 0.66 -24.64 4.46
CA GLY A 216 0.50 -26.02 4.88
C GLY A 216 -0.53 -26.76 4.04
N CYS A 217 -1.71 -26.14 3.80
CA CYS A 217 -2.76 -26.78 2.98
C CYS A 217 -2.28 -27.03 1.56
N ILE A 218 -1.55 -26.05 1.00
CA ILE A 218 -1.00 -26.13 -0.35
C ILE A 218 0.11 -27.17 -0.40
N MET A 219 0.98 -27.21 0.62
CA MET A 219 2.07 -28.17 0.64
C MET A 219 1.52 -29.56 0.53
N ALA A 220 0.56 -29.93 1.40
CA ALA A 220 -0.10 -31.23 1.37
C ALA A 220 -0.72 -31.51 -0.01
N GLU A 221 -1.25 -30.46 -0.66
CA GLU A 221 -1.90 -30.53 -1.98
C GLU A 221 -0.92 -30.95 -3.08
N MET A 222 0.40 -30.72 -2.88
CA MET A 222 1.47 -31.08 -3.83
C MET A 222 1.56 -32.59 -4.02
N TRP A 223 1.06 -33.37 -3.06
CA TRP A 223 1.02 -34.82 -3.13
C TRP A 223 -0.40 -35.35 -3.33
N THR A 224 -1.38 -34.81 -2.56
CA THR A 224 -2.77 -35.27 -2.66
C THR A 224 -3.43 -34.85 -3.95
N ARG A 225 -2.87 -33.82 -4.62
CA ARG A 225 -3.38 -33.29 -5.90
C ARG A 225 -4.78 -32.69 -5.77
N SER A 226 -5.25 -32.50 -4.54
CA SER A 226 -6.58 -32.03 -4.23
C SER A 226 -6.61 -31.36 -2.84
N PRO A 227 -7.40 -30.28 -2.63
CA PRO A 227 -7.45 -29.66 -1.28
C PRO A 227 -7.90 -30.64 -0.19
N ILE A 228 -7.03 -30.85 0.81
CA ILE A 228 -7.16 -31.79 1.91
C ILE A 228 -8.40 -31.62 2.78
N MET A 229 -8.91 -30.39 2.94
CA MET A 229 -10.08 -30.13 3.80
C MET A 229 -11.12 -29.29 3.06
N GLN A 230 -12.09 -29.96 2.40
CA GLN A 230 -13.11 -29.32 1.55
C GLN A 230 -14.47 -29.17 2.21
N GLY A 231 -14.53 -28.29 3.21
CA GLY A 231 -15.77 -28.01 3.93
C GLY A 231 -16.82 -27.30 3.10
N ASN A 232 -18.09 -27.39 3.53
CA ASN A 232 -19.23 -26.74 2.87
C ASN A 232 -19.66 -25.49 3.66
N THR A 233 -19.48 -25.52 5.00
CA THR A 233 -19.75 -24.39 5.91
C THR A 233 -18.58 -24.23 6.89
N GLU A 234 -18.55 -23.12 7.62
CA GLU A 234 -17.52 -22.86 8.63
C GLU A 234 -17.47 -23.98 9.68
N GLN A 235 -18.65 -24.47 10.11
CA GLN A 235 -18.79 -25.56 11.08
C GLN A 235 -18.26 -26.86 10.52
N HIS A 236 -18.57 -27.14 9.22
CA HIS A 236 -18.09 -28.33 8.52
C HIS A 236 -16.56 -28.24 8.39
N GLN A 237 -16.02 -27.03 8.09
CA GLN A 237 -14.60 -26.77 7.99
C GLN A 237 -13.93 -27.06 9.34
N LEU A 238 -14.45 -26.46 10.43
CA LEU A 238 -13.93 -26.68 11.78
C LEU A 238 -13.96 -28.17 12.19
N ALA A 239 -15.00 -28.90 11.75
CA ALA A 239 -15.11 -30.33 12.01
C ALA A 239 -14.02 -31.08 11.23
N LEU A 240 -13.82 -30.73 9.94
CA LEU A 240 -12.82 -31.36 9.08
C LEU A 240 -11.43 -31.19 9.65
N ILE A 241 -11.12 -29.96 10.10
CA ILE A 241 -9.86 -29.57 10.73
C ILE A 241 -9.61 -30.44 11.95
N SER A 242 -10.66 -30.70 12.77
CA SER A 242 -10.58 -31.51 13.99
C SER A 242 -10.28 -32.95 13.69
N GLN A 243 -10.90 -33.49 12.63
CA GLN A 243 -10.68 -34.89 12.23
C GLN A 243 -9.24 -35.13 11.74
N LEU A 244 -8.52 -34.03 11.39
CA LEU A 244 -7.16 -34.07 10.90
C LEU A 244 -6.11 -33.64 11.90
N CYS A 245 -6.29 -32.46 12.52
CA CYS A 245 -5.31 -31.84 13.43
C CYS A 245 -5.56 -32.12 14.92
N GLY A 246 -6.52 -32.98 15.22
CA GLY A 246 -6.94 -33.21 16.60
C GLY A 246 -8.00 -32.19 16.94
N SER A 247 -8.54 -32.22 18.18
CA SER A 247 -9.59 -31.27 18.53
C SER A 247 -9.07 -30.05 19.28
N ILE A 248 -9.75 -28.91 19.09
CA ILE A 248 -9.45 -27.60 19.67
C ILE A 248 -9.54 -27.69 21.19
N THR A 249 -8.38 -27.74 21.87
CA THR A 249 -8.32 -27.91 23.32
C THR A 249 -7.44 -26.87 23.99
N PRO A 250 -7.88 -26.27 25.13
CA PRO A 250 -7.00 -25.32 25.85
C PRO A 250 -5.65 -25.94 26.21
N GLU A 251 -5.56 -27.28 26.19
CA GLU A 251 -4.32 -28.00 26.45
C GLU A 251 -3.43 -27.84 25.23
N VAL A 252 -4.00 -28.08 24.04
CA VAL A 252 -3.34 -27.99 22.75
C VAL A 252 -3.11 -26.53 22.36
N TRP A 253 -4.14 -25.70 22.53
CA TRP A 253 -4.18 -24.30 22.17
C TRP A 253 -4.49 -23.44 23.42
N PRO A 254 -3.44 -23.09 24.20
CA PRO A 254 -3.66 -22.31 25.42
C PRO A 254 -4.47 -21.03 25.23
N ASN A 255 -5.54 -20.92 26.02
CA ASN A 255 -6.50 -19.79 26.07
C ASN A 255 -7.48 -19.76 24.89
N VAL A 256 -7.61 -20.90 24.15
CA VAL A 256 -8.59 -21.03 23.07
C VAL A 256 -10.03 -20.84 23.64
N ASP A 257 -10.22 -21.06 24.97
CA ASP A 257 -11.50 -20.96 25.68
C ASP A 257 -12.10 -19.51 25.72
N ASN A 258 -11.99 -18.74 24.61
CA ASN A 258 -12.47 -17.35 24.47
C ASN A 258 -13.01 -17.07 23.05
N LEU A 267 -18.55 -28.04 18.33
CA LEU A 267 -17.31 -28.76 17.94
C LEU A 267 -17.27 -30.25 18.40
N VAL A 268 -16.17 -30.98 18.01
CA VAL A 268 -15.88 -32.40 18.34
C VAL A 268 -14.96 -32.48 19.56
N LYS A 269 -15.14 -33.50 20.41
CA LYS A 269 -14.36 -33.59 21.64
C LYS A 269 -13.23 -34.64 21.72
N GLY A 270 -13.40 -35.82 21.14
CA GLY A 270 -12.42 -36.92 21.26
C GLY A 270 -11.25 -37.00 20.29
N GLN A 271 -11.35 -36.29 19.15
CA GLN A 271 -10.42 -36.27 18.04
C GLN A 271 -8.95 -36.16 18.43
N LYS A 272 -8.09 -36.95 17.76
CA LYS A 272 -6.65 -37.02 18.00
C LYS A 272 -5.93 -36.69 16.71
N ARG A 273 -4.76 -36.00 16.81
CA ARG A 273 -3.95 -35.56 15.66
C ARG A 273 -3.58 -36.73 14.74
N LYS A 274 -3.99 -36.65 13.47
CA LYS A 274 -3.77 -37.66 12.44
C LYS A 274 -3.18 -37.04 11.18
N VAL A 275 -2.57 -35.86 11.30
CA VAL A 275 -1.97 -35.15 10.16
C VAL A 275 -0.96 -36.06 9.43
N LYS A 276 -0.04 -36.66 10.20
CA LYS A 276 0.98 -37.55 9.67
C LYS A 276 0.42 -38.89 9.23
N ASP A 277 -0.62 -39.40 9.89
CA ASP A 277 -1.24 -40.67 9.51
C ASP A 277 -2.04 -40.61 8.20
N ARG A 278 -2.91 -39.58 8.07
CA ARG A 278 -3.78 -39.44 6.91
C ARG A 278 -3.01 -39.05 5.64
N LEU A 279 -1.88 -38.33 5.80
CA LEU A 279 -1.04 -37.92 4.68
C LEU A 279 0.14 -38.84 4.41
N LYS A 280 0.45 -39.71 5.38
CA LYS A 280 1.46 -40.78 5.39
C LYS A 280 1.52 -41.46 4.00
N ALA A 281 0.33 -41.79 3.44
CA ALA A 281 0.12 -42.46 2.15
C ALA A 281 0.72 -41.71 0.99
N TYR A 282 0.23 -40.48 0.74
CA TYR A 282 0.61 -39.61 -0.37
C TYR A 282 2.02 -39.12 -0.34
N VAL A 283 2.48 -38.67 0.83
CA VAL A 283 3.75 -37.95 0.98
C VAL A 283 4.96 -38.87 1.01
N ARG A 284 5.01 -39.83 1.95
CA ARG A 284 6.12 -40.79 2.03
C ARG A 284 7.40 -40.22 2.69
N ASP A 285 7.92 -39.08 2.19
CA ASP A 285 9.12 -38.45 2.73
C ASP A 285 8.91 -38.00 4.20
N PRO A 286 9.79 -38.43 5.13
CA PRO A 286 9.64 -38.07 6.56
C PRO A 286 9.66 -36.57 6.83
N TYR A 287 10.62 -35.87 6.22
CA TYR A 287 10.83 -34.43 6.36
C TYR A 287 9.64 -33.62 5.87
N ALA A 288 9.11 -33.97 4.69
CA ALA A 288 7.94 -33.32 4.12
C ALA A 288 6.77 -33.40 5.07
N LEU A 289 6.52 -34.60 5.63
CA LEU A 289 5.45 -34.84 6.59
C LEU A 289 5.65 -34.04 7.87
N ASP A 290 6.88 -33.96 8.37
CA ASP A 290 7.17 -33.18 9.56
C ASP A 290 6.87 -31.70 9.36
N LEU A 291 7.31 -31.11 8.23
CA LEU A 291 7.05 -29.71 7.93
C LEU A 291 5.56 -29.40 7.81
N ILE A 292 4.79 -30.24 7.07
CA ILE A 292 3.34 -30.06 6.91
C ILE A 292 2.68 -30.05 8.27
N ASP A 293 3.11 -30.96 9.14
CA ASP A 293 2.59 -31.06 10.50
C ASP A 293 2.87 -29.79 11.29
N LYS A 294 4.02 -29.14 11.03
CA LYS A 294 4.41 -27.91 11.74
C LYS A 294 3.69 -26.70 11.21
N LEU A 295 3.24 -26.76 9.93
CA LEU A 295 2.44 -25.72 9.27
C LEU A 295 0.97 -25.82 9.70
N LEU A 296 0.39 -27.03 9.74
CA LEU A 296 -1.00 -27.25 10.14
C LEU A 296 -1.15 -27.45 11.66
N VAL A 297 -0.61 -26.50 12.42
CA VAL A 297 -0.68 -26.46 13.88
C VAL A 297 -1.87 -25.58 14.23
N LEU A 298 -2.66 -25.99 15.22
CA LEU A 298 -3.86 -25.27 15.64
C LEU A 298 -3.58 -23.89 16.24
N ASP A 299 -2.73 -23.83 17.28
CA ASP A 299 -2.41 -22.56 17.92
C ASP A 299 -1.52 -21.74 16.99
N PRO A 300 -2.04 -20.60 16.51
CA PRO A 300 -1.26 -19.72 15.59
C PRO A 300 0.11 -19.35 16.13
N ALA A 301 0.23 -19.23 17.47
CA ALA A 301 1.42 -18.88 18.25
C ALA A 301 2.44 -19.98 18.22
N GLN A 302 1.97 -21.23 18.05
CA GLN A 302 2.81 -22.43 18.00
C GLN A 302 3.11 -22.90 16.56
N ARG A 303 2.41 -22.31 15.57
CA ARG A 303 2.59 -22.61 14.17
C ARG A 303 3.92 -22.03 13.68
N ILE A 304 4.64 -22.83 12.87
CA ILE A 304 5.93 -22.47 12.29
C ILE A 304 5.81 -21.23 11.41
N ASP A 305 6.85 -20.38 11.43
CA ASP A 305 6.92 -19.20 10.59
C ASP A 305 7.76 -19.50 9.31
N SER A 306 7.72 -18.61 8.32
CA SER A 306 8.45 -18.78 7.05
C SER A 306 9.95 -18.98 7.23
N ASP A 307 10.55 -18.24 8.17
CA ASP A 307 11.98 -18.30 8.48
C ASP A 307 12.38 -19.70 8.99
N ASP A 308 11.70 -20.22 9.99
CA ASP A 308 11.99 -21.55 10.51
C ASP A 308 11.63 -22.64 9.53
N ALA A 309 10.57 -22.42 8.73
CA ALA A 309 10.12 -23.37 7.72
C ALA A 309 11.20 -23.54 6.65
N LEU A 310 11.82 -22.42 6.24
CA LEU A 310 12.88 -22.42 5.25
C LEU A 310 14.13 -23.11 5.75
N ASN A 311 14.31 -23.09 7.06
CA ASN A 311 15.45 -23.70 7.76
C ASN A 311 15.24 -25.21 7.97
N HIS A 312 13.98 -25.68 7.84
CA HIS A 312 13.59 -27.09 8.00
C HIS A 312 14.45 -28.02 7.15
N ASP A 313 14.78 -29.20 7.72
CA ASP A 313 15.60 -30.21 7.07
C ASP A 313 15.09 -30.65 5.71
N PHE A 314 13.79 -30.47 5.45
CA PHE A 314 13.11 -30.74 4.18
C PHE A 314 13.82 -30.06 3.04
N PHE A 315 14.31 -28.83 3.25
CA PHE A 315 15.02 -28.09 2.20
C PHE A 315 16.52 -28.31 2.19
N TRP A 316 17.04 -29.03 3.18
CA TRP A 316 18.47 -29.20 3.39
C TRP A 316 18.93 -30.66 3.46
N SER A 317 18.12 -31.57 2.89
CA SER A 317 18.44 -32.98 2.78
C SER A 317 18.24 -33.47 1.34
N ASP A 318 18.83 -34.62 1.00
CA ASP A 318 18.69 -35.19 -0.33
C ASP A 318 17.31 -35.84 -0.58
N PRO A 319 16.71 -35.66 -1.78
CA PRO A 319 17.21 -34.87 -2.91
C PRO A 319 17.05 -33.38 -2.66
N MET A 320 18.12 -32.63 -2.86
CA MET A 320 18.13 -31.19 -2.66
C MET A 320 17.18 -30.49 -3.60
N PRO A 321 16.60 -29.31 -3.23
CA PRO A 321 15.67 -28.62 -4.15
C PRO A 321 16.29 -28.35 -5.52
N SER A 322 15.50 -28.52 -6.60
CA SER A 322 15.94 -28.36 -7.98
C SER A 322 14.99 -27.52 -8.81
N ASP A 323 15.48 -27.03 -9.96
CA ASP A 323 14.73 -26.20 -10.91
C ASP A 323 13.55 -26.92 -11.57
N LEU A 324 12.57 -26.15 -12.03
CA LEU A 324 11.32 -26.63 -12.60
C LEU A 324 11.33 -26.74 -14.11
N LYS A 325 10.99 -27.97 -14.58
CA LYS A 325 10.87 -28.41 -15.98
C LYS A 325 9.84 -29.58 -16.06
N GLY A 326 8.77 -29.49 -15.24
CA GLY A 326 7.70 -30.47 -15.14
C GLY A 326 6.44 -29.92 -14.48
N ASN B 7 9.86 6.61 -11.86
CA ASN B 7 11.22 7.10 -11.61
C ASN B 7 11.39 7.74 -10.20
N ASN B 8 12.64 7.64 -9.65
CA ASN B 8 13.06 8.22 -8.37
C ASN B 8 13.10 9.78 -8.41
N LYS B 9 13.30 10.38 -9.63
CA LYS B 9 13.37 11.83 -9.83
C LYS B 9 12.21 12.36 -10.69
N ARG B 10 11.15 11.51 -10.87
CA ARG B 10 9.96 11.87 -11.65
C ARG B 10 9.27 13.08 -11.08
N TRP B 11 9.11 13.10 -9.72
CA TRP B 11 8.39 14.16 -9.02
C TRP B 11 9.32 15.20 -8.35
N TYR B 12 10.57 15.29 -8.79
CA TYR B 12 11.50 16.32 -8.32
C TYR B 12 11.93 17.15 -9.50
N PHE B 13 11.81 18.46 -9.36
CA PHE B 13 12.00 19.39 -10.46
C PHE B 13 13.09 20.41 -10.16
N THR B 14 13.74 20.87 -11.23
CA THR B 14 14.74 21.92 -11.12
C THR B 14 14.00 23.24 -10.99
N ARG B 15 14.75 24.30 -10.69
CA ARG B 15 14.18 25.64 -10.60
C ARG B 15 13.66 26.10 -11.99
N GLU B 16 14.36 25.69 -13.06
CA GLU B 16 13.96 25.98 -14.44
C GLU B 16 12.66 25.28 -14.80
N GLN B 17 12.52 24.01 -14.36
CA GLN B 17 11.31 23.23 -14.56
C GLN B 17 10.17 23.91 -13.78
N LEU B 18 10.46 24.47 -12.59
CA LEU B 18 9.44 25.18 -11.82
C LEU B 18 9.04 26.51 -12.46
N GLU B 19 10.00 27.21 -13.11
CA GLU B 19 9.70 28.44 -13.85
C GLU B 19 8.79 28.07 -15.05
N ASN B 20 9.14 27.06 -15.86
CA ASN B 20 8.32 26.65 -17.00
C ASN B 20 7.27 25.61 -16.62
N SER B 21 6.33 26.03 -15.78
CA SER B 21 5.24 25.20 -15.27
C SER B 21 4.07 25.17 -16.25
N PRO B 22 3.15 24.16 -16.15
CA PRO B 22 1.97 24.16 -17.04
C PRO B 22 1.18 25.48 -16.97
N SER B 23 1.00 26.07 -15.77
CA SER B 23 0.29 27.34 -15.57
C SER B 23 1.00 28.48 -16.26
N ARG B 24 2.35 28.53 -16.21
CA ARG B 24 3.13 29.57 -16.90
C ARG B 24 2.81 29.58 -18.39
N ARG B 25 2.67 28.40 -19.01
CA ARG B 25 2.34 28.30 -20.42
C ARG B 25 1.03 29.01 -20.73
N PHE B 26 0.08 29.02 -19.77
CA PHE B 26 -1.20 29.71 -19.98
C PHE B 26 -1.22 31.14 -19.42
N GLY B 27 -0.02 31.71 -19.23
CA GLY B 27 0.18 33.10 -18.87
C GLY B 27 0.22 33.47 -17.43
N VAL B 28 0.05 32.50 -16.51
CA VAL B 28 0.08 32.71 -15.04
C VAL B 28 1.50 33.07 -14.59
N ASP B 29 1.69 34.28 -14.04
CA ASP B 29 2.97 34.73 -13.51
C ASP B 29 3.39 33.81 -12.36
N PRO B 30 4.72 33.63 -12.19
CA PRO B 30 5.22 32.79 -11.08
C PRO B 30 4.64 33.11 -9.73
N ASP B 31 4.58 34.39 -9.36
CA ASP B 31 4.07 34.81 -8.04
C ASP B 31 2.62 34.49 -7.82
N LYS B 32 1.83 34.60 -8.89
CA LYS B 32 0.43 34.30 -8.89
C LYS B 32 0.27 32.79 -8.61
N GLU B 33 1.03 31.94 -9.33
CA GLU B 33 0.97 30.49 -9.19
C GLU B 33 1.33 30.05 -7.78
N LEU B 34 2.30 30.73 -7.16
CA LEU B 34 2.72 30.42 -5.81
C LEU B 34 1.57 30.70 -4.86
N SER B 35 0.83 31.80 -5.11
CA SER B 35 -0.32 32.15 -4.28
C SER B 35 -1.44 31.15 -4.49
N TYR B 36 -1.68 30.69 -5.73
CA TYR B 36 -2.70 29.71 -6.03
C TYR B 36 -2.46 28.44 -5.27
N ARG B 37 -1.18 28.03 -5.14
CA ARG B 37 -0.74 26.87 -4.38
C ARG B 37 -1.00 27.08 -2.90
N GLN B 38 -0.65 28.25 -2.36
CA GLN B 38 -0.83 28.62 -0.95
C GLN B 38 -2.32 28.62 -0.58
N GLN B 39 -3.18 29.10 -1.49
CA GLN B 39 -4.62 29.15 -1.24
C GLN B 39 -5.20 27.77 -1.21
N ALA B 40 -4.73 26.85 -2.09
CA ALA B 40 -5.20 25.48 -2.14
C ALA B 40 -4.85 24.78 -0.84
N ALA B 41 -3.61 25.01 -0.34
CA ALA B 41 -3.12 24.41 0.90
C ALA B 41 -3.96 24.89 2.08
N ASN B 42 -4.31 26.20 2.09
CA ASN B 42 -5.13 26.77 3.13
C ASN B 42 -6.53 26.18 3.08
N LEU B 43 -7.09 25.95 1.87
CA LEU B 43 -8.41 25.35 1.72
C LEU B 43 -8.39 23.95 2.21
N LEU B 44 -7.35 23.18 1.87
CA LEU B 44 -7.15 21.82 2.36
C LEU B 44 -7.06 21.75 3.89
N GLN B 45 -6.36 22.69 4.51
CA GLN B 45 -6.23 22.75 5.96
C GLN B 45 -7.57 23.02 6.61
N ASP B 46 -8.30 23.97 6.07
CA ASP B 46 -9.62 24.37 6.57
C ASP B 46 -10.60 23.20 6.51
N MET B 47 -10.74 22.59 5.33
CA MET B 47 -11.64 21.48 5.13
C MET B 47 -11.21 20.29 5.99
N GLY B 48 -9.91 20.00 6.01
CA GLY B 48 -9.34 18.89 6.79
C GLY B 48 -9.64 19.00 8.28
N GLN B 49 -9.48 20.19 8.88
CA GLN B 49 -9.81 20.41 10.28
C GLN B 49 -11.28 20.18 10.57
N ARG B 50 -12.17 20.70 9.69
CA ARG B 50 -13.61 20.57 9.81
C ARG B 50 -14.08 19.13 9.63
N LEU B 51 -13.39 18.38 8.72
CA LEU B 51 -13.77 16.99 8.45
C LEU B 51 -13.13 16.09 9.52
N ASN B 52 -12.29 16.66 10.39
CA ASN B 52 -11.60 15.92 11.44
C ASN B 52 -10.64 14.86 10.91
N VAL B 53 -9.87 15.23 9.89
CA VAL B 53 -8.85 14.35 9.35
C VAL B 53 -7.54 14.84 9.97
N SER B 54 -6.49 13.99 9.96
CA SER B 54 -5.19 14.28 10.54
C SER B 54 -4.39 15.28 9.72
N GLN B 55 -3.39 15.94 10.35
CA GLN B 55 -2.49 16.81 9.58
C GLN B 55 -1.77 15.98 8.53
N LEU B 56 -1.46 14.71 8.82
CA LEU B 56 -0.84 13.82 7.88
C LEU B 56 -1.67 13.74 6.57
N THR B 57 -3.00 13.51 6.71
CA THR B 57 -3.93 13.43 5.57
C THR B 57 -3.91 14.73 4.83
N ILE B 58 -3.98 15.86 5.54
CA ILE B 58 -3.93 17.19 4.91
C ILE B 58 -2.64 17.35 4.12
N ASN B 59 -1.50 16.95 4.70
CA ASN B 59 -0.18 17.06 4.11
C ASN B 59 -0.08 16.24 2.83
N THR B 60 -0.69 15.05 2.85
CA THR B 60 -0.73 14.16 1.71
C THR B 60 -1.50 14.81 0.58
N ALA B 61 -2.66 15.40 0.90
CA ALA B 61 -3.47 16.07 -0.10
C ALA B 61 -2.72 17.25 -0.69
N ILE B 62 -1.94 17.98 0.13
CA ILE B 62 -1.11 19.12 -0.31
C ILE B 62 -0.04 18.69 -1.32
N VAL B 63 0.61 17.56 -1.08
CA VAL B 63 1.59 17.02 -2.03
C VAL B 63 0.89 16.61 -3.36
N TYR B 64 -0.33 16.01 -3.27
CA TYR B 64 -1.09 15.65 -4.47
C TYR B 64 -1.35 16.91 -5.29
N MET B 65 -1.77 17.98 -4.61
CA MET B 65 -2.01 19.26 -5.22
C MET B 65 -0.76 19.78 -5.88
N HIS B 66 0.37 19.85 -5.14
CA HIS B 66 1.63 20.36 -5.67
C HIS B 66 2.04 19.64 -6.92
N ARG B 67 2.03 18.32 -6.88
CA ARG B 67 2.41 17.46 -7.99
C ARG B 67 1.44 17.60 -9.14
N PHE B 68 0.13 17.60 -8.86
CA PHE B 68 -0.89 17.74 -9.89
C PHE B 68 -0.63 18.96 -10.76
N TYR B 69 -0.24 20.07 -10.14
CA TYR B 69 -0.03 21.32 -10.85
C TYR B 69 1.33 21.45 -11.55
N MET B 70 2.15 20.38 -11.51
CA MET B 70 3.38 20.31 -12.27
C MET B 70 3.06 19.67 -13.64
N ILE B 71 1.81 19.17 -13.79
CA ILE B 71 1.30 18.53 -15.02
C ILE B 71 0.13 19.33 -15.57
N GLN B 72 -0.81 19.74 -14.69
CA GLN B 72 -1.97 20.52 -15.07
C GLN B 72 -1.83 22.00 -14.72
N SER B 73 -2.65 22.85 -15.34
CA SER B 73 -2.65 24.30 -15.13
C SER B 73 -3.81 24.77 -14.25
N PHE B 74 -3.53 25.81 -13.42
CA PHE B 74 -4.55 26.46 -12.60
C PHE B 74 -5.61 27.12 -13.49
N THR B 75 -5.25 27.43 -14.76
CA THR B 75 -6.20 28.01 -15.73
C THR B 75 -7.26 27.00 -16.15
N ARG B 76 -6.93 25.70 -16.22
CA ARG B 76 -7.92 24.69 -16.60
C ARG B 76 -8.58 24.06 -15.37
N PHE B 77 -7.80 23.89 -14.26
CA PHE B 77 -8.29 23.27 -13.01
C PHE B 77 -8.11 24.21 -11.83
N PRO B 78 -9.17 24.92 -11.45
CA PRO B 78 -9.08 25.82 -10.28
C PRO B 78 -8.85 25.04 -8.98
N GLY B 79 -8.00 25.59 -8.12
CA GLY B 79 -7.68 25.02 -6.82
C GLY B 79 -8.91 24.67 -6.01
N ASN B 80 -9.99 25.46 -6.10
CA ASN B 80 -11.24 25.26 -5.34
C ASN B 80 -11.96 24.03 -5.74
N SER B 81 -11.61 23.48 -6.93
CA SER B 81 -12.19 22.27 -7.48
C SER B 81 -11.32 21.06 -7.15
N VAL B 82 -10.00 21.25 -7.27
CA VAL B 82 -9.03 20.20 -7.08
C VAL B 82 -8.86 19.87 -5.61
N ALA B 83 -8.74 20.88 -4.72
CA ALA B 83 -8.52 20.64 -3.29
C ALA B 83 -9.53 19.63 -2.70
N PRO B 84 -10.87 19.85 -2.82
CA PRO B 84 -11.80 18.86 -2.29
C PRO B 84 -11.54 17.44 -2.80
N ALA B 85 -11.32 17.28 -4.11
CA ALA B 85 -11.07 15.97 -4.69
C ALA B 85 -9.77 15.38 -4.16
N ALA B 86 -8.68 16.21 -4.05
CA ALA B 86 -7.38 15.82 -3.53
C ALA B 86 -7.49 15.33 -2.08
N LEU B 87 -8.29 16.02 -1.27
CA LEU B 87 -8.51 15.64 0.12
C LEU B 87 -9.37 14.38 0.23
N PHE B 88 -10.39 14.27 -0.61
CA PHE B 88 -11.26 13.10 -0.64
C PHE B 88 -10.40 11.85 -0.87
N LEU B 89 -9.49 11.91 -1.86
CA LEU B 89 -8.56 10.84 -2.19
C LEU B 89 -7.54 10.55 -1.05
N ALA B 90 -6.90 11.60 -0.49
CA ALA B 90 -5.90 11.48 0.58
C ALA B 90 -6.45 10.83 1.85
N ALA B 91 -7.73 11.15 2.21
CA ALA B 91 -8.39 10.57 3.37
C ALA B 91 -8.59 9.07 3.14
N LYS B 92 -8.89 8.64 1.89
CA LYS B 92 -9.02 7.20 1.58
C LYS B 92 -7.65 6.54 1.67
N VAL B 93 -6.64 7.13 1.03
CA VAL B 93 -5.27 6.62 1.02
C VAL B 93 -4.69 6.49 2.44
N GLU B 94 -4.97 7.45 3.31
CA GLU B 94 -4.41 7.47 4.66
C GLU B 94 -5.24 6.76 5.71
N GLY B 95 -6.23 6.00 5.27
CA GLY B 95 -7.10 5.26 6.20
C GLY B 95 -8.03 6.08 7.08
N GLN B 96 -8.41 7.27 6.61
CA GLN B 96 -9.39 8.09 7.29
C GLN B 96 -10.52 8.36 6.27
N PRO B 97 -11.13 7.35 5.59
CA PRO B 97 -12.09 7.69 4.53
C PRO B 97 -13.23 8.54 5.02
N LYS B 98 -13.52 9.59 4.27
CA LYS B 98 -14.68 10.44 4.54
C LYS B 98 -15.63 10.31 3.35
N LYS B 99 -16.93 10.27 3.63
CA LYS B 99 -17.94 10.12 2.60
C LYS B 99 -17.95 11.28 1.63
N LEU B 100 -18.15 10.96 0.37
CA LEU B 100 -18.24 11.89 -0.74
C LEU B 100 -19.26 13.03 -0.46
N GLU B 101 -20.48 12.72 0.03
CA GLU B 101 -21.46 13.76 0.36
C GLU B 101 -20.95 14.64 1.50
N HIS B 102 -20.11 14.07 2.39
CA HIS B 102 -19.56 14.79 3.55
C HIS B 102 -18.50 15.79 3.09
N VAL B 103 -17.60 15.34 2.20
CA VAL B 103 -16.56 16.21 1.66
C VAL B 103 -17.22 17.38 0.85
N ILE B 104 -18.28 17.08 0.09
CA ILE B 104 -19.00 18.09 -0.68
C ILE B 104 -19.68 19.14 0.24
N LYS B 105 -20.35 18.70 1.32
CA LYS B 105 -21.05 19.50 2.34
C LYS B 105 -20.04 20.52 2.88
N VAL B 106 -18.86 20.05 3.37
CA VAL B 106 -17.75 20.85 3.95
C VAL B 106 -17.07 21.77 2.95
N ALA B 107 -16.80 21.30 1.73
CA ALA B 107 -16.16 22.14 0.71
C ALA B 107 -17.06 23.34 0.42
N HIS B 108 -18.37 23.08 0.33
CA HIS B 108 -19.36 24.07 0.09
C HIS B 108 -19.38 25.14 1.17
N THR B 109 -19.38 24.78 2.45
CA THR B 109 -19.42 25.78 3.49
C THR B 109 -18.13 26.60 3.55
N CYS B 110 -17.00 25.99 3.20
CA CYS B 110 -15.72 26.69 3.22
C CYS B 110 -15.71 27.75 2.11
N LEU B 111 -16.15 27.35 0.91
CA LEU B 111 -16.17 28.20 -0.28
C LEU B 111 -17.35 29.14 -0.39
N HIS B 112 -18.47 28.83 0.27
CA HIS B 112 -19.70 29.63 0.21
C HIS B 112 -20.33 29.71 1.62
N PRO B 113 -19.67 30.45 2.55
CA PRO B 113 -20.14 30.50 3.94
C PRO B 113 -21.56 30.93 4.17
N GLN B 114 -22.03 31.83 3.33
CA GLN B 114 -23.35 32.42 3.43
C GLN B 114 -24.35 31.69 2.56
N GLU B 115 -23.90 30.99 1.51
CA GLU B 115 -24.77 30.23 0.61
C GLU B 115 -25.33 29.01 1.35
N SER B 116 -26.31 28.35 0.73
CA SER B 116 -26.98 27.19 1.31
C SER B 116 -26.78 26.01 0.41
N LEU B 117 -26.49 24.82 1.00
CA LEU B 117 -26.27 23.62 0.22
C LEU B 117 -27.53 23.29 -0.57
N PRO B 118 -27.38 23.04 -1.89
CA PRO B 118 -28.57 22.70 -2.71
C PRO B 118 -29.30 21.46 -2.19
N ASP B 119 -30.53 21.24 -2.66
CA ASP B 119 -31.28 20.05 -2.29
C ASP B 119 -30.51 18.84 -2.84
N THR B 120 -30.20 17.86 -1.97
CA THR B 120 -29.45 16.68 -2.38
C THR B 120 -30.16 15.86 -3.48
N ARG B 121 -31.35 16.31 -3.91
CA ARG B 121 -32.15 15.70 -4.97
C ARG B 121 -32.04 16.49 -6.29
N SER B 122 -31.49 17.74 -6.22
CA SER B 122 -31.32 18.62 -7.38
C SER B 122 -30.28 18.11 -8.37
N GLU B 123 -30.41 18.56 -9.64
CA GLU B 123 -29.47 18.22 -10.68
C GLU B 123 -28.16 18.97 -10.49
N ALA B 124 -28.23 20.16 -9.85
CA ALA B 124 -27.06 20.99 -9.54
C ALA B 124 -26.16 20.28 -8.57
N TYR B 125 -26.78 19.61 -7.58
CA TYR B 125 -26.07 18.88 -6.55
C TYR B 125 -25.54 17.56 -7.09
N LEU B 126 -26.36 16.81 -7.85
CA LEU B 126 -25.93 15.55 -8.43
C LEU B 126 -24.76 15.74 -9.35
N GLN B 127 -24.67 16.92 -9.98
CA GLN B 127 -23.60 17.26 -10.89
C GLN B 127 -22.32 17.55 -10.15
N GLN B 128 -22.40 18.26 -9.01
CA GLN B 128 -21.19 18.55 -8.26
C GLN B 128 -20.62 17.31 -7.58
N VAL B 129 -21.49 16.33 -7.31
CA VAL B 129 -21.07 15.01 -6.80
C VAL B 129 -20.25 14.30 -7.90
N GLN B 130 -20.77 14.29 -9.14
CA GLN B 130 -20.10 13.72 -10.30
C GLN B 130 -18.82 14.44 -10.64
N ASP B 131 -18.80 15.77 -10.49
CA ASP B 131 -17.60 16.58 -10.78
C ASP B 131 -16.45 16.20 -9.86
N LEU B 132 -16.73 15.95 -8.57
CA LEU B 132 -15.70 15.53 -7.64
C LEU B 132 -15.11 14.16 -8.05
N VAL B 133 -15.97 13.17 -8.30
CA VAL B 133 -15.57 11.82 -8.70
C VAL B 133 -14.69 11.87 -9.99
N ILE B 134 -15.11 12.67 -10.99
CA ILE B 134 -14.35 12.91 -12.21
C ILE B 134 -12.98 13.53 -11.91
N LEU B 135 -12.93 14.49 -11.01
CA LEU B 135 -11.69 15.16 -10.65
C LEU B 135 -10.75 14.25 -9.87
N GLU B 136 -11.31 13.33 -9.03
CA GLU B 136 -10.49 12.38 -8.27
C GLU B 136 -9.75 11.48 -9.27
N SER B 137 -10.49 11.03 -10.28
CA SER B 137 -10.02 10.19 -11.37
C SER B 137 -8.91 10.90 -12.16
N ILE B 138 -9.07 12.18 -12.47
CA ILE B 138 -8.06 12.97 -13.19
C ILE B 138 -6.81 13.09 -12.31
N ILE B 139 -6.98 13.25 -10.96
CA ILE B 139 -5.84 13.31 -10.03
C ILE B 139 -5.06 12.00 -10.05
N LEU B 140 -5.75 10.87 -9.87
CA LEU B 140 -5.13 9.54 -9.89
C LEU B 140 -4.33 9.30 -11.15
N GLN B 141 -4.90 9.66 -12.30
CA GLN B 141 -4.24 9.47 -13.59
C GLN B 141 -3.03 10.41 -13.81
N THR B 142 -3.13 11.67 -13.31
CA THR B 142 -2.08 12.67 -13.40
C THR B 142 -0.89 12.21 -12.60
N LEU B 143 -1.14 11.64 -11.41
CA LEU B 143 -0.09 11.15 -10.52
C LEU B 143 0.39 9.77 -10.87
N GLY B 144 -0.16 9.21 -11.93
CA GLY B 144 0.16 7.87 -12.39
C GLY B 144 -0.03 6.87 -11.26
N PHE B 145 -1.07 7.09 -10.40
CA PHE B 145 -1.43 6.24 -9.27
C PHE B 145 -0.33 6.05 -8.20
N GLU B 146 0.63 7.00 -8.13
CA GLU B 146 1.68 6.98 -7.12
C GLU B 146 1.20 7.87 -5.98
N LEU B 147 0.63 7.24 -4.95
CA LEU B 147 -0.05 7.91 -3.84
C LEU B 147 0.61 7.79 -2.48
N THR B 148 1.65 6.99 -2.40
CA THR B 148 2.38 6.81 -1.16
C THR B 148 3.35 7.97 -1.00
N ILE B 149 3.01 8.91 -0.07
CA ILE B 149 3.83 10.10 0.16
C ILE B 149 4.70 9.94 1.38
N ASP B 150 5.94 10.41 1.30
CA ASP B 150 6.84 10.41 2.44
C ASP B 150 6.94 11.85 2.86
N HIS B 151 6.73 12.14 4.15
CA HIS B 151 6.74 13.54 4.62
C HIS B 151 7.96 13.89 5.44
N PRO B 152 8.42 15.16 5.45
CA PRO B 152 9.60 15.48 6.27
C PRO B 152 9.41 15.14 7.76
N HIS B 153 8.15 15.18 8.25
CA HIS B 153 7.79 14.93 9.64
C HIS B 153 8.36 13.63 10.20
N THR B 154 8.32 12.55 9.40
CA THR B 154 8.86 11.22 9.73
C THR B 154 10.34 11.31 10.17
N HIS B 155 11.11 12.16 9.45
CA HIS B 155 12.55 12.35 9.64
C HIS B 155 12.86 13.39 10.72
N VAL B 156 11.86 14.22 11.08
CA VAL B 156 12.04 15.21 12.13
C VAL B 156 12.14 14.50 13.45
N VAL B 157 11.28 13.49 13.67
CA VAL B 157 11.32 12.62 14.87
C VAL B 157 12.75 12.09 15.12
N LYS B 158 13.40 11.55 14.06
CA LYS B 158 14.77 11.01 14.08
C LYS B 158 15.76 12.07 14.58
N CYS B 159 15.73 13.27 14.00
CA CYS B 159 16.60 14.38 14.39
C CYS B 159 16.39 14.85 15.81
N THR B 160 15.15 15.16 16.19
CA THR B 160 14.81 15.69 17.51
C THR B 160 15.24 14.76 18.67
N GLN B 161 15.45 13.46 18.40
CA GLN B 161 15.97 12.53 19.40
C GLN B 161 17.49 12.54 19.34
N LEU B 162 18.04 12.47 18.13
CA LEU B 162 19.47 12.47 17.88
C LEU B 162 20.08 13.90 17.97
N VAL B 163 19.48 14.74 18.83
CA VAL B 163 19.85 16.14 19.13
C VAL B 163 19.39 16.42 20.59
N ARG B 164 18.55 15.51 21.17
CA ARG B 164 17.92 15.58 22.52
C ARG B 164 17.19 16.93 22.67
N ALA B 165 16.36 17.27 21.66
CA ALA B 165 15.65 18.53 21.58
C ALA B 165 14.53 18.62 22.57
N SER B 166 14.31 19.82 23.12
CA SER B 166 13.21 20.08 24.06
C SER B 166 11.92 19.83 23.31
N LYS B 167 10.83 19.64 24.06
CA LYS B 167 9.50 19.44 23.48
C LYS B 167 9.23 20.64 22.56
N ASP B 168 9.59 21.83 23.08
CA ASP B 168 9.50 23.11 22.41
C ASP B 168 10.18 23.09 21.03
N LEU B 169 11.49 22.71 20.99
CA LEU B 169 12.22 22.65 19.73
C LEU B 169 11.58 21.70 18.75
N ALA B 170 11.18 20.50 19.22
CA ALA B 170 10.52 19.48 18.38
C ALA B 170 9.17 19.97 17.82
N GLN B 171 8.36 20.63 18.67
CA GLN B 171 7.08 21.19 18.25
C GLN B 171 7.25 22.29 17.18
N THR B 172 8.28 23.14 17.33
CA THR B 172 8.61 24.20 16.38
C THR B 172 9.06 23.58 15.04
N SER B 173 9.79 22.46 15.08
CA SER B 173 10.27 21.78 13.88
C SER B 173 9.14 21.16 13.10
N TYR B 174 8.12 20.59 13.78
CA TYR B 174 6.94 20.04 13.09
C TYR B 174 6.15 21.16 12.44
N PHE B 175 6.07 22.31 13.11
CA PHE B 175 5.44 23.54 12.62
C PHE B 175 6.12 23.96 11.32
N MET B 176 7.48 23.97 11.30
CA MET B 176 8.24 24.33 10.11
C MET B 176 7.91 23.35 8.96
N ALA B 177 7.87 22.04 9.27
CA ALA B 177 7.61 20.98 8.31
C ALA B 177 6.27 21.17 7.62
N THR B 178 5.23 21.42 8.43
CA THR B 178 3.89 21.65 7.90
C THR B 178 3.82 22.93 7.08
N ASN B 179 4.46 24.01 7.57
CA ASN B 179 4.43 25.29 6.88
C ASN B 179 5.20 25.29 5.59
N SER B 180 6.22 24.44 5.47
CA SER B 180 6.99 24.29 4.25
C SER B 180 6.05 23.75 3.13
N LEU B 181 5.06 22.91 3.47
CA LEU B 181 4.08 22.39 2.52
C LEU B 181 3.11 23.45 2.09
N HIS B 182 2.64 24.29 3.02
CA HIS B 182 1.72 25.39 2.69
C HIS B 182 2.37 26.48 1.93
N LEU B 183 3.60 26.86 2.33
CA LEU B 183 4.22 28.08 1.87
C LEU B 183 5.29 27.95 0.81
N THR B 184 5.85 26.72 0.59
CA THR B 184 6.90 26.53 -0.41
C THR B 184 6.66 25.37 -1.38
N THR B 185 7.51 25.31 -2.40
CA THR B 185 7.50 24.19 -3.36
C THR B 185 8.65 23.21 -3.04
N PHE B 186 9.20 23.23 -1.79
CA PHE B 186 10.26 22.30 -1.39
C PHE B 186 9.91 20.86 -1.68
N SER B 187 8.63 20.46 -1.57
CA SER B 187 8.20 19.07 -1.77
C SER B 187 8.41 18.61 -3.20
N LEU B 188 8.58 19.59 -4.12
CA LEU B 188 8.80 19.37 -5.53
C LEU B 188 10.27 19.46 -5.84
N GLN B 189 11.11 19.80 -4.87
CA GLN B 189 12.53 20.00 -5.17
C GLN B 189 13.50 19.22 -4.33
N TYR B 190 13.18 19.09 -3.03
CA TYR B 190 14.02 18.41 -2.06
C TYR B 190 13.38 17.22 -1.41
N THR B 191 14.17 16.19 -1.17
CA THR B 191 13.75 14.94 -0.55
C THR B 191 13.25 15.20 0.87
N PRO B 192 12.31 14.39 1.41
CA PRO B 192 11.81 14.64 2.78
C PRO B 192 12.90 14.74 3.85
N PRO B 193 14.00 13.91 3.83
CA PRO B 193 15.03 14.05 4.86
C PRO B 193 15.74 15.39 4.78
N VAL B 194 15.94 15.92 3.56
CA VAL B 194 16.56 17.22 3.38
C VAL B 194 15.67 18.29 3.98
N VAL B 195 14.40 18.30 3.58
CA VAL B 195 13.43 19.26 4.09
C VAL B 195 13.37 19.21 5.63
N ALA B 196 13.46 18.00 6.20
CA ALA B 196 13.47 17.80 7.65
C ALA B 196 14.65 18.52 8.30
N CYS B 197 15.84 18.46 7.67
CA CYS B 197 17.04 19.14 8.13
C CYS B 197 16.84 20.68 8.12
N VAL B 198 16.18 21.19 7.07
CA VAL B 198 15.88 22.62 6.90
C VAL B 198 15.00 23.11 8.05
N CYS B 199 14.01 22.31 8.43
CA CYS B 199 13.06 22.59 9.51
C CYS B 199 13.71 22.64 10.85
N ILE B 200 14.58 21.66 11.17
CA ILE B 200 15.35 21.62 12.42
C ILE B 200 16.32 22.80 12.49
N HIS B 201 17.00 23.09 11.40
CA HIS B 201 17.98 24.19 11.37
C HIS B 201 17.28 25.54 11.70
N LEU B 202 16.16 25.85 10.99
CA LEU B 202 15.41 27.09 11.24
C LEU B 202 14.84 27.14 12.66
N ALA B 203 14.28 26.03 13.16
CA ALA B 203 13.72 25.95 14.51
C ALA B 203 14.82 26.27 15.54
N CYS B 204 16.04 25.76 15.32
CA CYS B 204 17.18 26.04 16.16
C CYS B 204 17.52 27.51 16.16
N LYS B 205 17.73 28.10 14.95
CA LYS B 205 18.03 29.52 14.76
C LYS B 205 16.99 30.41 15.46
N TRP B 206 15.70 30.08 15.28
CA TRP B 206 14.59 30.80 15.88
C TRP B 206 14.59 30.74 17.41
N SER B 207 14.91 29.57 17.99
CA SER B 207 14.91 29.33 19.44
C SER B 207 16.25 29.59 20.07
N ASN B 208 17.26 30.01 19.27
CA ASN B 208 18.63 30.21 19.76
C ASN B 208 19.20 28.96 20.42
N TRP B 209 18.91 27.81 19.81
CA TRP B 209 19.38 26.49 20.22
C TRP B 209 20.53 26.15 19.27
N GLU B 210 21.63 25.65 19.84
CA GLU B 210 22.80 25.26 19.06
C GLU B 210 23.04 23.79 19.26
N ILE B 211 23.03 23.02 18.16
CA ILE B 211 23.34 21.61 18.25
C ILE B 211 24.87 21.48 18.15
N PRO B 212 25.53 20.91 19.17
CA PRO B 212 27.00 20.79 19.13
C PRO B 212 27.50 19.73 18.14
N VAL B 213 28.76 19.91 17.71
CA VAL B 213 29.44 19.00 16.79
C VAL B 213 29.63 17.66 17.50
N SER B 214 29.35 16.55 16.79
CA SER B 214 29.50 15.19 17.32
C SER B 214 30.94 14.92 17.70
N THR B 215 31.13 13.93 18.58
CA THR B 215 32.43 13.48 19.08
C THR B 215 33.42 13.15 17.93
N ASP B 216 32.86 12.69 16.79
CA ASP B 216 33.55 12.29 15.56
C ASP B 216 33.95 13.49 14.69
N GLY B 217 33.41 14.68 14.98
CA GLY B 217 33.66 15.90 14.23
C GLY B 217 32.59 16.17 13.19
N LYS B 218 31.54 15.34 13.15
CA LYS B 218 30.44 15.45 12.20
C LYS B 218 29.28 16.35 12.71
N HIS B 219 28.65 17.12 11.81
CA HIS B 219 27.49 17.94 12.17
C HIS B 219 26.26 17.02 12.18
N TRP B 220 25.23 17.36 12.97
CA TRP B 220 24.00 16.58 13.14
C TRP B 220 23.33 16.10 11.84
N TRP B 221 23.24 16.98 10.83
CA TRP B 221 22.59 16.69 9.57
C TRP B 221 23.29 15.60 8.75
N GLU B 222 24.60 15.40 8.98
CA GLU B 222 25.40 14.38 8.29
C GLU B 222 24.93 12.97 8.66
N TYR B 223 24.27 12.84 9.81
CA TYR B 223 23.69 11.60 10.30
C TYR B 223 22.30 11.40 9.71
N VAL B 224 21.77 12.41 9.00
CA VAL B 224 20.41 12.39 8.43
C VAL B 224 20.39 12.25 6.92
N ASP B 225 21.33 12.93 6.26
CA ASP B 225 21.40 12.95 4.81
C ASP B 225 22.78 13.43 4.32
N ALA B 226 23.42 12.59 3.49
CA ALA B 226 24.76 12.84 2.96
C ALA B 226 24.83 14.04 2.00
N THR B 227 23.75 14.30 1.25
CA THR B 227 23.67 15.40 0.27
C THR B 227 23.60 16.79 0.94
N VAL B 228 23.09 16.84 2.17
CA VAL B 228 22.92 18.06 2.94
C VAL B 228 24.26 18.72 3.29
N THR B 229 24.34 20.06 3.05
CA THR B 229 25.46 20.96 3.36
C THR B 229 24.92 22.19 4.09
N LEU B 230 25.78 22.83 4.88
CA LEU B 230 25.42 24.04 5.62
C LEU B 230 25.01 25.17 4.66
N GLU B 231 25.66 25.24 3.50
CA GLU B 231 25.41 26.23 2.46
C GLU B 231 23.97 26.12 1.99
N LEU B 232 23.52 24.89 1.68
CA LEU B 232 22.16 24.62 1.25
C LEU B 232 21.16 24.94 2.37
N LEU B 233 21.43 24.43 3.59
CA LEU B 233 20.59 24.65 4.78
C LEU B 233 20.33 26.12 5.02
N ASP B 234 21.37 26.94 4.93
CA ASP B 234 21.23 28.37 5.15
C ASP B 234 20.42 29.04 4.06
N GLU B 235 20.58 28.57 2.80
CA GLU B 235 19.87 29.08 1.63
C GLU B 235 18.40 28.75 1.76
N LEU B 236 18.08 27.51 2.16
CA LEU B 236 16.69 27.06 2.29
C LEU B 236 15.97 27.62 3.51
N THR B 237 16.65 27.72 4.67
CA THR B 237 16.08 28.34 5.87
C THR B 237 15.75 29.81 5.62
N HIS B 238 16.60 30.52 4.86
CA HIS B 238 16.38 31.91 4.50
C HIS B 238 15.10 32.05 3.70
N GLU B 239 14.94 31.19 2.67
CA GLU B 239 13.79 31.17 1.79
C GLU B 239 12.50 30.92 2.57
N LEU B 240 12.47 29.86 3.43
CA LEU B 240 11.36 29.50 4.32
C LEU B 240 11.06 30.64 5.30
N LEU B 241 12.08 31.20 5.95
CA LEU B 241 11.85 32.34 6.84
C LEU B 241 11.20 33.54 6.14
N GLN B 242 11.63 33.86 4.90
CA GLN B 242 11.09 35.01 4.15
C GLN B 242 9.60 34.85 3.93
N ILE B 243 9.17 33.67 3.42
CA ILE B 243 7.75 33.45 3.17
C ILE B 243 6.97 33.47 4.50
N LEU B 244 7.54 32.95 5.61
CA LEU B 244 6.95 32.95 6.95
C LEU B 244 6.68 34.36 7.44
N GLU B 245 7.65 35.27 7.20
CA GLU B 245 7.50 36.69 7.58
C GLU B 245 6.39 37.38 6.76
N LYS B 246 6.11 36.89 5.56
CA LYS B 246 5.07 37.47 4.71
C LYS B 246 3.68 36.91 5.04
N THR B 247 3.59 35.94 5.95
CA THR B 247 2.33 35.26 6.29
C THR B 247 1.78 35.81 7.59
N PRO B 248 0.73 36.63 7.47
CA PRO B 248 0.13 37.22 8.68
C PRO B 248 -0.22 36.19 9.76
N ASN B 249 0.23 36.46 11.01
CA ASN B 249 -0.01 35.69 12.24
C ASN B 249 0.68 34.34 12.36
N ARG B 250 1.38 33.87 11.31
CA ARG B 250 2.02 32.56 11.30
C ARG B 250 3.14 32.45 12.32
N LEU B 251 4.13 33.34 12.24
CA LEU B 251 5.28 33.37 13.16
C LEU B 251 4.87 33.63 14.62
N LYS B 252 3.75 34.38 14.82
CA LYS B 252 3.17 34.63 16.15
C LYS B 252 2.94 33.32 16.90
N ARG B 253 2.57 32.23 16.17
CA ARG B 253 2.34 30.90 16.75
C ARG B 253 3.51 30.32 17.48
N ILE B 254 4.73 30.58 16.99
CA ILE B 254 5.98 30.06 17.58
C ILE B 254 6.81 31.13 18.29
N TRP B 255 6.30 32.37 18.40
CA TRP B 255 7.06 33.47 18.99
C TRP B 255 7.04 33.45 20.51
N ASN B 256 8.22 33.56 21.11
CA ASN B 256 8.36 33.61 22.56
C ASN B 256 8.08 35.00 23.04
N TRP B 257 6.90 35.12 23.62
CA TRP B 257 6.21 36.31 24.12
C TRP B 257 6.57 36.70 25.52
N ARG B 258 7.35 35.85 26.23
CA ARG B 258 7.69 36.04 27.65
C ARG B 258 8.77 37.08 27.87
C1 UT5 C . -5.50 -19.41 -18.26
C2 UT5 C . -3.52 -19.26 -16.71
C3 UT5 C . -3.20 -19.82 -15.35
C7 UT5 C . -2.70 -16.13 -14.73
C8 UT5 C . -2.46 -14.24 -13.62
C9 UT5 C . -2.44 -13.06 -12.85
C10 UT5 C . -1.32 -12.23 -12.93
C11 UT5 C . -0.28 -12.59 -13.78
C12 UT5 C . -1.35 -14.52 -14.45
C13 UT5 C . -3.60 -12.67 -11.97
C14 UT5 C . -4.19 -11.44 -12.27
C15 UT5 C . -5.28 -10.99 -11.56
C16 UT5 C . -5.78 -11.78 -10.56
C19 UT5 C . -3.88 -15.35 -9.50
F UT5 C . -6.86 -11.34 -9.88
C17 UT5 C . -5.24 -12.99 -10.22
C18 UT5 C . -4.13 -13.44 -10.93
O1 UT5 C . -3.50 -14.63 -10.67
N2 UT5 C . -0.28 -13.70 -14.53
N1 UT5 C . -3.31 -15.31 -13.83
N3 UT5 C . -1.52 -15.69 -15.13
C5 UT5 C . -3.34 -17.40 -15.18
C4 UT5 C . -2.79 -18.64 -14.46
C6 UT5 C . -3.07 -17.79 -16.64
N UT5 C . -4.93 -19.39 -17.03
O UT5 C . -4.84 -19.29 -19.30
C UT5 C . -6.99 -19.60 -18.29
#